data_1CFR
#
_entry.id   1CFR
#
_cell.length_a   64.500
_cell.length_b   81.300
_cell.length_c   119.700
_cell.angle_alpha   90.00
_cell.angle_beta   90.00
_cell.angle_gamma   90.00
#
_symmetry.space_group_name_H-M   'I 2 2 2'
#
loop_
_entity.id
_entity.type
_entity.pdbx_description
1 polymer 'RESTRICTION ENDONUCLEASE'
2 water water
#
_entity_poly.entity_id   1
_entity_poly.type   'polypeptide(L)'
_entity_poly.pdbx_seq_one_letter_code
;MDIISKSGEGNKYTINSAIAFVAYASHIDINTTEFSKVLSGLRDFINDEAIRLGGKISDGSFNKCNGDWYEWLIGIRAIE
FFLESETNFIVVKMPNATSFDVMSIYKSCLSEFIYDLRSKLSLNNVNLITSNPDFSIIDIRGRREELKSMLKDISFSNIS
LSTISEIDNLYKNFIDYAELEHIKSFLSVKTTFRPDRRLQLAHEGSLMKALYTHLQTRTWTINPTGIRYYAAATSIGNAD
VIGLKTVATHSITDVKSLPQSAVDEIFKINSVLDVDSCLSHILSS
;
_entity_poly.pdbx_strand_id   A
#
# COMPACT_ATOMS: atom_id res chain seq x y z
N MET A 1 -12.44 25.75 2.78
CA MET A 1 -11.41 24.89 2.21
C MET A 1 -11.73 24.55 0.77
N ASP A 2 -10.81 24.85 -0.14
CA ASP A 2 -11.04 24.56 -1.55
C ASP A 2 -10.26 23.33 -1.96
N ILE A 3 -10.65 22.77 -3.11
CA ILE A 3 -10.02 21.57 -3.62
C ILE A 3 -8.62 21.81 -4.22
N ILE A 4 -8.35 23.01 -4.70
CA ILE A 4 -7.05 23.35 -5.28
C ILE A 4 -6.59 24.66 -4.64
N SER A 5 -5.28 24.91 -4.64
CA SER A 5 -4.70 26.13 -4.07
C SER A 5 -3.42 26.50 -4.82
N LYS A 6 -3.24 27.77 -5.16
CA LYS A 6 -2.07 28.21 -5.92
C LYS A 6 -0.76 27.89 -5.24
N SER A 7 0.14 27.24 -5.97
CA SER A 7 1.44 26.86 -5.46
C SER A 7 2.42 28.00 -5.64
N GLY A 8 1.89 29.19 -5.88
CA GLY A 8 2.72 30.36 -6.06
C GLY A 8 3.69 30.30 -7.24
N GLU A 9 3.72 29.16 -7.94
CA GLU A 9 4.61 28.99 -9.09
C GLU A 9 3.95 29.57 -10.35
N GLY A 10 3.46 30.80 -10.23
CA GLY A 10 2.79 31.48 -11.33
C GLY A 10 1.34 31.05 -11.42
N ASN A 11 0.99 30.47 -12.56
CA ASN A 11 -0.37 29.99 -12.78
C ASN A 11 -0.57 28.64 -12.06
N LYS A 12 0.51 28.12 -11.50
CA LYS A 12 0.54 26.84 -10.79
C LYS A 12 -0.37 26.72 -9.58
N TYR A 13 -1.11 25.62 -9.55
CA TYR A 13 -2.02 25.28 -8.47
C TYR A 13 -1.65 23.88 -8.00
N THR A 14 -1.84 23.62 -6.72
CA THR A 14 -1.57 22.31 -6.17
C THR A 14 -2.92 21.76 -5.77
N ILE A 15 -3.07 20.45 -5.90
CA ILE A 15 -4.31 19.79 -5.55
C ILE A 15 -4.30 19.44 -4.09
N ASN A 16 -5.43 19.69 -3.43
CA ASN A 16 -5.60 19.33 -2.02
C ASN A 16 -6.24 17.93 -2.14
N SER A 17 -5.38 16.92 -2.26
CA SER A 17 -5.77 15.53 -2.43
C SER A 17 -6.98 15.05 -1.63
N ALA A 18 -6.86 15.12 -0.30
CA ALA A 18 -7.89 14.67 0.60
C ALA A 18 -9.24 15.36 0.45
N ILE A 19 -9.24 16.70 0.40
CA ILE A 19 -10.50 17.46 0.25
C ILE A 19 -11.15 17.07 -1.04
N ALA A 20 -10.38 17.16 -2.14
CA ALA A 20 -10.89 16.82 -3.46
C ALA A 20 -11.49 15.41 -3.50
N PHE A 21 -10.83 14.46 -2.83
CA PHE A 21 -11.31 13.09 -2.83
C PHE A 21 -12.63 13.02 -2.09
N VAL A 22 -12.69 13.62 -0.92
CA VAL A 22 -13.92 13.62 -0.13
C VAL A 22 -15.10 14.37 -0.80
N ALA A 23 -14.85 15.58 -1.29
CA ALA A 23 -15.83 16.43 -1.98
C ALA A 23 -16.40 15.69 -3.19
N TYR A 24 -15.52 15.15 -4.02
CA TYR A 24 -16.00 14.42 -5.17
C TYR A 24 -16.68 13.12 -4.75
N ALA A 25 -16.01 12.33 -3.90
CA ALA A 25 -16.53 11.04 -3.45
C ALA A 25 -17.92 11.06 -2.82
N SER A 26 -18.25 12.17 -2.13
CA SER A 26 -19.56 12.34 -1.49
C SER A 26 -20.70 12.29 -2.51
N HIS A 27 -20.39 12.72 -3.73
CA HIS A 27 -21.32 12.79 -4.84
C HIS A 27 -21.55 11.52 -5.64
N ILE A 28 -20.79 10.47 -5.40
CA ILE A 28 -21.00 9.25 -6.19
C ILE A 28 -21.24 8.00 -5.37
N ASP A 29 -21.68 6.93 -6.03
CA ASP A 29 -21.95 5.69 -5.33
C ASP A 29 -20.78 4.76 -5.61
N ILE A 30 -19.80 4.74 -4.71
CA ILE A 30 -18.61 3.92 -4.88
C ILE A 30 -18.93 2.45 -5.16
N ASN A 31 -20.05 1.97 -4.65
CA ASN A 31 -20.42 0.58 -4.86
C ASN A 31 -20.86 0.23 -6.28
N THR A 32 -21.23 1.23 -7.08
CA THR A 32 -21.65 0.97 -8.45
C THR A 32 -20.66 1.53 -9.50
N THR A 33 -19.73 2.38 -9.05
CA THR A 33 -18.72 3.02 -9.92
C THR A 33 -17.36 2.33 -9.84
N GLU A 34 -16.87 1.83 -10.97
CA GLU A 34 -15.57 1.21 -10.96
C GLU A 34 -14.51 2.28 -10.66
N PHE A 35 -13.47 1.87 -9.96
CA PHE A 35 -12.39 2.76 -9.55
C PHE A 35 -11.81 3.65 -10.64
N SER A 36 -11.63 3.11 -11.84
CA SER A 36 -11.09 3.92 -12.93
C SER A 36 -11.97 5.12 -13.29
N LYS A 37 -13.29 4.97 -13.14
CA LYS A 37 -14.23 6.07 -13.44
C LYS A 37 -14.16 7.14 -12.36
N VAL A 38 -13.95 6.71 -11.13
CA VAL A 38 -13.84 7.65 -10.03
C VAL A 38 -12.58 8.49 -10.21
N LEU A 39 -11.49 7.84 -10.62
CA LEU A 39 -10.22 8.55 -10.83
C LEU A 39 -10.32 9.57 -11.97
N SER A 40 -10.79 9.17 -13.14
CA SER A 40 -10.93 10.12 -14.25
C SER A 40 -11.98 11.15 -13.87
N GLY A 41 -13.06 10.70 -13.25
CA GLY A 41 -14.10 11.61 -12.82
C GLY A 41 -13.49 12.65 -11.89
N LEU A 42 -12.56 12.20 -11.06
CA LEU A 42 -11.89 13.07 -10.11
C LEU A 42 -10.90 14.02 -10.81
N ARG A 43 -10.31 13.56 -11.90
CA ARG A 43 -9.38 14.39 -12.68
C ARG A 43 -10.15 15.57 -13.31
N ASP A 44 -11.31 15.27 -13.90
CA ASP A 44 -12.16 16.29 -14.53
C ASP A 44 -12.62 17.35 -13.52
N PHE A 45 -13.21 16.89 -12.41
CA PHE A 45 -13.69 17.73 -11.32
C PHE A 45 -12.68 18.83 -11.03
N ILE A 46 -11.43 18.39 -10.82
CA ILE A 46 -10.30 19.28 -10.53
C ILE A 46 -10.00 20.21 -11.71
N ASN A 47 -10.17 19.74 -12.93
CA ASN A 47 -9.92 20.57 -14.12
C ASN A 47 -10.91 21.71 -14.20
N ASP A 48 -12.19 21.44 -13.93
CA ASP A 48 -13.21 22.47 -13.97
C ASP A 48 -12.76 23.61 -13.09
N GLU A 49 -12.44 23.28 -11.85
CA GLU A 49 -12.00 24.27 -10.88
C GLU A 49 -10.85 25.10 -11.41
N ALA A 50 -9.78 24.43 -11.84
CA ALA A 50 -8.61 25.13 -12.36
C ALA A 50 -8.96 26.09 -13.48
N ILE A 51 -9.98 25.73 -14.28
CA ILE A 51 -10.41 26.58 -15.37
C ILE A 51 -11.21 27.79 -14.85
N ARG A 52 -12.10 27.56 -13.86
CA ARG A 52 -12.91 28.66 -13.28
C ARG A 52 -12.00 29.73 -12.70
N LEU A 53 -11.01 29.26 -11.94
CA LEU A 53 -10.05 30.10 -11.26
C LEU A 53 -8.92 30.55 -12.19
N GLY A 54 -8.86 29.96 -13.37
CA GLY A 54 -7.82 30.29 -14.34
C GLY A 54 -6.50 29.86 -13.74
N GLY A 55 -6.15 28.59 -13.89
CA GLY A 55 -4.91 28.09 -13.34
C GLY A 55 -4.38 26.88 -14.08
N LYS A 56 -3.27 26.34 -13.62
CA LYS A 56 -2.68 25.17 -14.26
C LYS A 56 -2.21 24.13 -13.23
N ILE A 57 -2.61 22.87 -13.48
CA ILE A 57 -2.25 21.77 -12.61
C ILE A 57 -1.46 20.79 -13.47
N SER A 58 -0.18 20.63 -13.14
CA SER A 58 0.70 19.72 -13.87
C SER A 58 0.31 18.28 -13.62
N ASP A 59 0.54 17.42 -14.62
CA ASP A 59 0.20 16.00 -14.47
C ASP A 59 1.05 15.29 -13.37
N GLY A 60 2.07 15.96 -12.86
CA GLY A 60 2.89 15.37 -11.81
C GLY A 60 2.12 15.33 -10.52
N SER A 61 1.37 16.40 -10.25
CA SER A 61 0.55 16.47 -9.05
C SER A 61 -0.59 15.50 -9.27
N PHE A 62 -1.10 15.45 -10.49
CA PHE A 62 -2.18 14.53 -10.83
C PHE A 62 -1.72 13.09 -10.59
N ASN A 63 -0.53 12.77 -11.11
CA ASN A 63 0.04 11.44 -10.98
C ASN A 63 0.32 11.10 -9.50
N LYS A 64 0.79 12.09 -8.74
CA LYS A 64 1.04 11.89 -7.32
C LYS A 64 -0.28 11.55 -6.65
N CYS A 65 -1.29 12.35 -6.98
CA CYS A 65 -2.63 12.20 -6.44
C CYS A 65 -3.38 10.94 -6.88
N ASN A 66 -3.23 10.52 -8.12
CA ASN A 66 -3.92 9.33 -8.61
C ASN A 66 -3.62 8.12 -7.73
N GLY A 67 -2.37 8.05 -7.27
CA GLY A 67 -1.95 6.96 -6.40
C GLY A 67 -2.65 7.08 -5.06
N ASP A 68 -2.66 8.28 -4.50
CA ASP A 68 -3.33 8.55 -3.24
C ASP A 68 -4.76 8.09 -3.31
N TRP A 69 -5.45 8.53 -4.34
CA TRP A 69 -6.84 8.18 -4.47
C TRP A 69 -7.05 6.69 -4.64
N TYR A 70 -6.27 6.06 -5.51
CA TYR A 70 -6.42 4.62 -5.73
C TYR A 70 -6.22 3.84 -4.43
N GLU A 71 -5.22 4.23 -3.65
CA GLU A 71 -4.93 3.63 -2.36
C GLU A 71 -6.03 3.87 -1.35
N TRP A 72 -6.57 5.09 -1.28
CA TRP A 72 -7.65 5.36 -0.32
C TRP A 72 -8.90 4.57 -0.70
N LEU A 73 -9.16 4.42 -1.99
CA LEU A 73 -10.29 3.62 -2.42
C LEU A 73 -10.13 2.18 -1.88
N ILE A 74 -8.96 1.59 -2.08
CA ILE A 74 -8.67 0.24 -1.60
C ILE A 74 -8.64 0.20 -0.05
N GLY A 75 -7.90 1.12 0.55
CA GLY A 75 -7.77 1.18 1.99
C GLY A 75 -9.07 1.27 2.78
N ILE A 76 -10.03 2.08 2.31
CA ILE A 76 -11.33 2.24 2.99
C ILE A 76 -12.17 0.97 2.90
N ARG A 77 -12.20 0.38 1.72
CA ARG A 77 -12.96 -0.84 1.49
C ARG A 77 -12.40 -2.00 2.30
N ALA A 78 -11.09 -2.00 2.51
CA ALA A 78 -10.43 -3.05 3.26
C ALA A 78 -10.91 -2.98 4.69
N ILE A 79 -11.06 -1.75 5.21
CA ILE A 79 -11.53 -1.57 6.58
C ILE A 79 -12.99 -1.96 6.70
N GLU A 80 -13.80 -1.66 5.68
CA GLU A 80 -15.22 -2.05 5.71
C GLU A 80 -15.32 -3.57 5.74
N PHE A 81 -14.48 -4.21 4.93
CA PHE A 81 -14.41 -5.66 4.84
C PHE A 81 -14.06 -6.20 6.22
N PHE A 82 -13.13 -5.53 6.90
CA PHE A 82 -12.73 -5.94 8.24
C PHE A 82 -13.92 -5.79 9.20
N LEU A 83 -14.58 -4.63 9.15
CA LEU A 83 -15.72 -4.36 10.02
C LEU A 83 -16.81 -5.35 9.78
N GLU A 84 -17.04 -5.68 8.53
CA GLU A 84 -18.08 -6.62 8.16
C GLU A 84 -17.71 -8.10 8.36
N SER A 85 -16.43 -8.42 8.52
CA SER A 85 -16.01 -9.80 8.67
C SER A 85 -15.48 -10.23 10.04
N GLU A 86 -15.11 -11.50 10.12
CA GLU A 86 -14.56 -12.08 11.34
C GLU A 86 -13.18 -12.65 11.01
N THR A 87 -12.29 -11.81 10.47
CA THR A 87 -10.94 -12.24 10.16
C THR A 87 -9.98 -11.73 11.23
N ASN A 88 -8.83 -12.35 11.34
CA ASN A 88 -7.83 -11.93 12.32
C ASN A 88 -6.80 -11.03 11.69
N PHE A 89 -6.95 -10.73 10.41
CA PHE A 89 -5.98 -9.88 9.70
C PHE A 89 -6.57 -8.55 9.29
N ILE A 90 -5.78 -7.49 9.40
CA ILE A 90 -6.27 -6.18 8.99
C ILE A 90 -5.30 -5.60 7.97
N VAL A 91 -5.82 -5.01 6.89
CA VAL A 91 -5.00 -4.41 5.84
C VAL A 91 -4.70 -2.96 6.22
N VAL A 92 -3.44 -2.69 6.55
CA VAL A 92 -3.00 -1.37 6.99
C VAL A 92 -2.15 -0.64 5.94
N LYS A 93 -2.48 0.63 5.74
CA LYS A 93 -1.79 1.46 4.77
C LYS A 93 -0.50 1.97 5.39
N MET A 94 0.57 1.95 4.60
CA MET A 94 1.89 2.35 5.05
C MET A 94 2.32 3.70 4.48
N PRO A 95 3.00 4.51 5.30
CA PRO A 95 3.49 5.82 4.85
C PRO A 95 4.81 5.59 4.08
N ASN A 96 5.33 6.64 3.45
CA ASN A 96 6.57 6.58 2.68
C ASN A 96 7.79 6.36 3.54
N ALA A 97 8.83 5.76 2.94
CA ALA A 97 10.10 5.48 3.62
C ALA A 97 10.78 6.78 4.04
N THR A 98 10.43 7.88 3.38
CA THR A 98 10.99 9.19 3.70
C THR A 98 10.82 9.43 5.19
N SER A 99 9.65 9.08 5.71
CA SER A 99 9.34 9.31 7.10
C SER A 99 9.03 8.06 7.95
N PHE A 100 9.10 6.87 7.37
CA PHE A 100 8.77 5.68 8.13
C PHE A 100 9.45 4.46 7.53
N ASP A 101 9.75 3.50 8.39
CA ASP A 101 10.42 2.27 7.99
C ASP A 101 9.44 1.15 8.36
N VAL A 102 8.94 0.43 7.36
CA VAL A 102 8.00 -0.67 7.62
C VAL A 102 8.57 -1.74 8.58
N MET A 103 9.90 -1.81 8.73
CA MET A 103 10.55 -2.78 9.61
C MET A 103 10.26 -2.53 11.09
N SER A 104 9.88 -1.30 11.41
CA SER A 104 9.56 -0.93 12.78
C SER A 104 8.20 -1.50 13.24
N ILE A 105 7.49 -2.16 12.33
CA ILE A 105 6.20 -2.78 12.65
C ILE A 105 6.56 -4.02 13.47
N TYR A 106 7.75 -4.55 13.22
CA TYR A 106 8.21 -5.72 13.92
C TYR A 106 8.63 -5.33 15.31
N LYS A 107 8.65 -6.30 16.21
CA LYS A 107 9.10 -6.08 17.58
C LYS A 107 10.50 -5.52 17.41
N SER A 108 10.95 -4.75 18.39
CA SER A 108 12.27 -4.13 18.35
C SER A 108 13.42 -5.12 18.31
N CYS A 109 13.23 -6.32 18.86
CA CYS A 109 14.32 -7.30 18.84
C CYS A 109 14.55 -7.72 17.40
N LEU A 110 13.49 -7.79 16.60
CA LEU A 110 13.63 -8.17 15.19
C LEU A 110 14.15 -7.02 14.33
N SER A 111 13.57 -5.83 14.47
CA SER A 111 14.01 -4.72 13.66
C SER A 111 15.47 -4.35 13.92
N GLU A 112 15.94 -4.60 15.13
CA GLU A 112 17.33 -4.28 15.46
C GLU A 112 18.30 -5.09 14.61
N PHE A 113 17.91 -6.28 14.20
CA PHE A 113 18.78 -7.11 13.35
C PHE A 113 19.00 -6.38 12.00
N ILE A 114 17.93 -5.74 11.52
CA ILE A 114 17.99 -5.00 10.26
C ILE A 114 18.85 -3.74 10.44
N TYR A 115 18.72 -3.10 11.60
CA TYR A 115 19.50 -1.89 11.89
C TYR A 115 20.96 -2.29 12.03
N ASP A 116 21.18 -3.47 12.60
CA ASP A 116 22.53 -4.00 12.77
C ASP A 116 23.15 -4.26 11.39
N LEU A 117 22.35 -4.78 10.47
CA LEU A 117 22.82 -5.03 9.12
C LEU A 117 23.17 -3.71 8.39
N ARG A 118 22.29 -2.72 8.49
CA ARG A 118 22.53 -1.44 7.84
C ARG A 118 23.83 -0.81 8.31
N SER A 119 24.06 -0.86 9.61
CA SER A 119 25.26 -0.32 10.23
C SER A 119 26.56 -1.04 9.80
N LYS A 120 26.54 -2.37 9.77
CA LYS A 120 27.72 -3.16 9.35
C LYS A 120 28.04 -2.93 7.87
N LEU A 121 26.99 -2.81 7.05
CA LEU A 121 27.16 -2.56 5.63
C LEU A 121 27.77 -1.18 5.42
N SER A 122 27.26 -0.16 6.13
CA SER A 122 27.78 1.20 5.97
C SER A 122 29.26 1.25 6.29
N LEU A 123 29.69 0.44 7.25
CA LEU A 123 31.11 0.36 7.59
C LEU A 123 31.93 -0.30 6.46
N ASN A 124 31.28 -1.07 5.59
CA ASN A 124 31.97 -1.71 4.47
C ASN A 124 31.71 -0.87 3.21
N ASN A 125 31.15 0.32 3.42
CA ASN A 125 30.81 1.27 2.36
C ASN A 125 29.69 0.79 1.40
N VAL A 126 28.66 0.17 1.96
CA VAL A 126 27.53 -0.33 1.19
C VAL A 126 26.25 0.22 1.85
N ASN A 127 25.27 0.59 1.06
CA ASN A 127 24.03 1.12 1.64
C ASN A 127 22.97 0.04 1.60
N LEU A 128 21.92 0.25 2.36
CA LEU A 128 20.79 -0.64 2.40
C LEU A 128 19.59 0.30 2.24
N ILE A 129 19.13 0.46 1.00
CA ILE A 129 18.01 1.33 0.70
C ILE A 129 16.78 0.44 0.53
N THR A 130 15.82 0.62 1.41
CA THR A 130 14.60 -0.17 1.36
C THR A 130 13.44 0.76 1.09
N SER A 131 12.33 0.19 0.66
CA SER A 131 11.13 0.97 0.38
C SER A 131 10.00 0.29 1.13
N ASN A 132 8.91 1.01 1.35
CA ASN A 132 7.77 0.45 2.08
C ASN A 132 6.65 0.04 1.12
N PRO A 133 6.18 -1.22 1.22
CA PRO A 133 5.11 -1.61 0.32
C PRO A 133 3.92 -0.75 0.75
N ASP A 134 2.91 -0.59 -0.10
CA ASP A 134 1.73 0.23 0.17
C ASP A 134 0.90 -0.20 1.35
N PHE A 135 0.64 -1.50 1.46
CA PHE A 135 -0.15 -2.07 2.53
C PHE A 135 0.59 -3.27 3.13
N SER A 136 0.30 -3.54 4.38
CA SER A 136 0.84 -4.67 5.16
C SER A 136 -0.39 -5.39 5.69
N ILE A 137 -0.43 -6.73 5.61
CA ILE A 137 -1.55 -7.50 6.15
C ILE A 137 -1.03 -8.03 7.48
N ILE A 138 -1.59 -7.47 8.55
CA ILE A 138 -1.17 -7.73 9.91
C ILE A 138 -2.12 -8.61 10.70
N ASP A 139 -1.53 -9.53 11.44
CA ASP A 139 -2.25 -10.48 12.28
C ASP A 139 -2.61 -9.75 13.56
N ILE A 140 -3.90 -9.51 13.78
CA ILE A 140 -4.35 -8.85 14.99
C ILE A 140 -4.98 -9.79 16.02
N ARG A 141 -4.34 -10.94 16.26
CA ARG A 141 -4.83 -11.93 17.23
C ARG A 141 -5.10 -11.23 18.54
N GLY A 142 -6.36 -11.25 18.97
CA GLY A 142 -6.68 -10.63 20.24
C GLY A 142 -7.36 -9.27 20.23
N ARG A 143 -6.84 -8.32 19.44
CA ARG A 143 -7.42 -6.97 19.41
C ARG A 143 -8.48 -6.67 18.35
N ARG A 144 -9.22 -7.70 17.95
CA ARG A 144 -10.28 -7.54 16.95
C ARG A 144 -11.37 -6.59 17.45
N GLU A 145 -11.88 -6.86 18.65
CA GLU A 145 -12.93 -6.05 19.23
C GLU A 145 -12.54 -4.59 19.41
N GLU A 146 -11.33 -4.39 19.94
CA GLU A 146 -10.82 -3.05 20.15
C GLU A 146 -10.81 -2.24 18.86
N LEU A 147 -10.26 -2.83 17.81
CA LEU A 147 -10.18 -2.17 16.52
C LEU A 147 -11.55 -1.94 15.89
N LYS A 148 -12.46 -2.91 16.02
CA LYS A 148 -13.80 -2.77 15.49
C LYS A 148 -14.52 -1.58 16.13
N SER A 149 -14.33 -1.38 17.43
CA SER A 149 -14.96 -0.27 18.13
C SER A 149 -14.30 1.04 17.72
N MET A 150 -13.00 0.98 17.52
CA MET A 150 -12.22 2.13 17.14
C MET A 150 -12.55 2.60 15.73
N LEU A 151 -12.74 1.63 14.83
CA LEU A 151 -12.97 1.93 13.44
C LEU A 151 -14.40 1.82 12.97
N LYS A 152 -15.33 1.80 13.92
CA LYS A 152 -16.76 1.68 13.64
C LYS A 152 -17.33 2.65 12.58
N ASP A 153 -16.94 3.92 12.64
CA ASP A 153 -17.47 4.93 11.73
C ASP A 153 -16.89 5.04 10.31
N ILE A 154 -15.95 4.17 9.97
CA ILE A 154 -15.31 4.22 8.65
C ILE A 154 -16.10 3.56 7.53
N SER A 155 -16.44 4.36 6.52
CA SER A 155 -17.13 3.84 5.35
C SER A 155 -17.18 4.87 4.21
N PHE A 156 -17.47 4.38 3.00
CA PHE A 156 -17.59 5.25 1.85
C PHE A 156 -18.87 6.06 2.03
N SER A 157 -19.91 5.41 2.55
CA SER A 157 -21.21 6.05 2.80
C SER A 157 -21.17 7.31 3.66
N ASN A 158 -20.38 7.27 4.74
CA ASN A 158 -20.24 8.38 5.66
C ASN A 158 -18.85 8.96 5.47
N ILE A 159 -18.43 9.08 4.21
CA ILE A 159 -17.11 9.58 3.88
C ILE A 159 -16.87 11.00 4.42
N SER A 160 -15.70 11.20 5.04
CA SER A 160 -15.32 12.50 5.61
C SER A 160 -13.80 12.64 5.57
N LEU A 161 -13.31 13.84 5.82
CA LEU A 161 -11.87 14.09 5.81
C LEU A 161 -11.15 13.31 6.91
N SER A 162 -11.82 13.15 8.05
CA SER A 162 -11.31 12.42 9.20
C SER A 162 -11.13 10.92 8.89
N THR A 163 -11.94 10.42 7.96
CA THR A 163 -11.88 9.03 7.50
C THR A 163 -10.54 8.83 6.80
N ILE A 164 -10.18 9.77 5.95
CA ILE A 164 -8.91 9.70 5.22
C ILE A 164 -7.74 9.73 6.21
N SER A 165 -7.81 10.62 7.20
CA SER A 165 -6.75 10.71 8.19
C SER A 165 -6.57 9.43 8.98
N GLU A 166 -7.66 8.75 9.28
CA GLU A 166 -7.59 7.50 10.03
C GLU A 166 -6.90 6.41 9.18
N ILE A 167 -7.38 6.25 7.95
CA ILE A 167 -6.82 5.28 7.01
C ILE A 167 -5.32 5.51 6.89
N ASP A 168 -4.92 6.78 6.88
CA ASP A 168 -3.53 7.16 6.76
C ASP A 168 -2.69 7.07 8.05
N ASN A 169 -3.32 6.96 9.21
CA ASN A 169 -2.55 6.92 10.46
C ASN A 169 -2.80 5.68 11.30
N LEU A 170 -3.64 4.79 10.81
CA LEU A 170 -3.92 3.55 11.51
C LEU A 170 -2.63 2.76 11.84
N TYR A 171 -1.62 2.88 10.98
CA TYR A 171 -0.36 2.16 11.16
C TYR A 171 0.32 2.43 12.49
N LYS A 172 0.02 3.58 13.09
CA LYS A 172 0.63 3.97 14.35
C LYS A 172 0.29 3.06 15.50
N ASN A 173 -0.77 2.27 15.33
CA ASN A 173 -1.21 1.33 16.35
C ASN A 173 -0.38 0.05 16.31
N PHE A 174 0.42 -0.13 15.26
CA PHE A 174 1.21 -1.36 15.09
C PHE A 174 2.74 -1.25 15.06
N ILE A 175 3.27 -0.25 15.73
CA ILE A 175 4.71 -0.04 15.79
C ILE A 175 5.25 -0.89 16.95
N ASP A 176 6.41 -1.53 16.72
CA ASP A 176 7.05 -2.40 17.70
C ASP A 176 5.99 -3.41 18.16
N TYR A 177 5.32 -4.03 17.18
CA TYR A 177 4.20 -4.92 17.44
C TYR A 177 4.34 -6.36 16.98
N ALA A 178 4.76 -6.56 15.75
CA ALA A 178 4.82 -7.88 15.17
C ALA A 178 5.99 -8.83 15.41
N GLU A 179 5.62 -10.09 15.63
CA GLU A 179 6.57 -11.17 15.73
C GLU A 179 6.68 -11.57 14.25
N LEU A 180 7.68 -12.37 13.89
CA LEU A 180 7.91 -12.75 12.50
C LEU A 180 6.72 -13.32 11.76
N GLU A 181 5.82 -13.91 12.53
CA GLU A 181 4.65 -14.55 11.95
C GLU A 181 3.45 -13.60 11.83
N HIS A 182 3.55 -12.44 12.49
CA HIS A 182 2.43 -11.53 12.47
C HIS A 182 2.20 -10.77 11.21
N ILE A 183 3.25 -10.50 10.44
CA ILE A 183 3.02 -9.83 9.18
C ILE A 183 2.88 -10.94 8.17
N LYS A 184 1.67 -11.13 7.67
CA LYS A 184 1.38 -12.18 6.72
C LYS A 184 1.78 -11.89 5.27
N SER A 185 1.61 -10.64 4.84
CA SER A 185 1.98 -10.26 3.50
C SER A 185 2.00 -8.74 3.28
N PHE A 186 2.43 -8.34 2.10
CA PHE A 186 2.50 -6.94 1.70
C PHE A 186 1.73 -6.86 0.39
N LEU A 187 1.18 -5.69 0.10
CA LEU A 187 0.43 -5.47 -1.13
C LEU A 187 0.76 -4.09 -1.65
N SER A 188 1.31 -4.02 -2.85
CA SER A 188 1.64 -2.76 -3.47
C SER A 188 0.76 -2.61 -4.68
N VAL A 189 0.16 -1.42 -4.83
CA VAL A 189 -0.78 -1.12 -5.91
C VAL A 189 -0.34 0.01 -6.87
N LYS A 190 -0.83 -0.05 -8.11
CA LYS A 190 -0.53 0.98 -9.12
C LYS A 190 -1.83 1.16 -9.93
N THR A 191 -2.15 2.38 -10.35
CA THR A 191 -3.37 2.59 -11.15
C THR A 191 -3.21 1.70 -12.37
N THR A 192 -2.05 1.78 -13.03
CA THR A 192 -1.73 0.94 -14.19
C THR A 192 -0.25 0.61 -14.19
N PHE A 193 0.11 -0.49 -14.80
CA PHE A 193 1.50 -0.91 -14.87
C PHE A 193 2.15 -0.40 -16.15
N ARG A 194 3.37 0.09 -16.02
CA ARG A 194 4.17 0.58 -17.15
C ARG A 194 5.50 -0.08 -16.86
N PRO A 195 6.42 -0.05 -17.82
CA PRO A 195 7.71 -0.68 -17.55
C PRO A 195 8.34 -0.25 -16.23
N ASP A 196 8.41 1.04 -15.96
CA ASP A 196 9.03 1.49 -14.71
C ASP A 196 8.34 0.96 -13.45
N ARG A 197 7.02 0.83 -13.48
CA ARG A 197 6.27 0.34 -12.33
C ARG A 197 6.40 -1.15 -12.13
N ARG A 198 6.48 -1.89 -13.21
CA ARG A 198 6.66 -3.34 -13.05
C ARG A 198 8.02 -3.58 -12.42
N LEU A 199 9.01 -2.78 -12.80
CA LEU A 199 10.36 -2.88 -12.25
C LEU A 199 10.40 -2.60 -10.74
N GLN A 200 9.77 -1.51 -10.32
CA GLN A 200 9.69 -1.14 -8.91
C GLN A 200 9.13 -2.29 -8.07
N LEU A 201 7.99 -2.83 -8.46
CA LEU A 201 7.36 -3.91 -7.71
C LEU A 201 8.19 -5.17 -7.66
N ALA A 202 8.82 -5.54 -8.77
CA ALA A 202 9.66 -6.71 -8.81
C ALA A 202 10.82 -6.56 -7.86
N HIS A 203 11.49 -5.41 -7.92
CA HIS A 203 12.62 -5.13 -7.06
C HIS A 203 12.25 -5.11 -5.56
N GLU A 204 11.16 -4.46 -5.22
CA GLU A 204 10.67 -4.34 -3.84
C GLU A 204 10.26 -5.70 -3.32
N GLY A 205 9.56 -6.46 -4.15
CA GLY A 205 9.14 -7.80 -3.77
C GLY A 205 10.36 -8.62 -3.40
N SER A 206 11.39 -8.58 -4.26
CA SER A 206 12.64 -9.32 -4.03
C SER A 206 13.34 -8.94 -2.74
N LEU A 207 13.42 -7.63 -2.52
CA LEU A 207 14.03 -7.05 -1.34
C LEU A 207 13.32 -7.45 -0.05
N MET A 208 11.98 -7.47 -0.05
CA MET A 208 11.22 -7.87 1.12
C MET A 208 11.50 -9.35 1.46
N LYS A 209 11.56 -10.18 0.42
CA LYS A 209 11.84 -11.60 0.62
C LYS A 209 13.26 -11.84 1.07
N ALA A 210 14.20 -10.98 0.65
CA ALA A 210 15.60 -11.08 1.10
C ALA A 210 15.72 -10.71 2.58
N LEU A 211 15.04 -9.63 2.99
CA LEU A 211 15.08 -9.18 4.37
C LEU A 211 14.40 -10.21 5.28
N TYR A 212 13.27 -10.75 4.82
CA TYR A 212 12.57 -11.73 5.58
C TYR A 212 13.49 -12.94 5.80
N THR A 213 14.24 -13.31 4.76
CA THR A 213 15.17 -14.44 4.83
C THR A 213 16.33 -14.10 5.76
N HIS A 214 16.70 -12.83 5.79
CA HIS A 214 17.73 -12.43 6.69
C HIS A 214 17.27 -12.61 8.14
N LEU A 215 16.02 -12.25 8.43
CA LEU A 215 15.45 -12.37 9.77
C LEU A 215 15.26 -13.84 10.18
N GLN A 216 14.84 -14.66 9.24
CA GLN A 216 14.67 -16.08 9.53
C GLN A 216 16.04 -16.69 9.90
N THR A 217 17.12 -16.13 9.37
CA THR A 217 18.48 -16.64 9.63
C THR A 217 19.00 -16.22 11.01
N ARG A 218 18.78 -14.96 11.35
CA ARG A 218 19.20 -14.42 12.63
C ARG A 218 18.51 -15.13 13.79
N THR A 219 17.21 -15.40 13.65
CA THR A 219 16.42 -16.05 14.68
C THR A 219 16.45 -17.57 14.58
N TRP A 220 17.05 -18.09 13.51
CA TRP A 220 17.13 -19.50 13.22
C TRP A 220 15.77 -20.13 13.27
N THR A 221 14.84 -19.61 12.48
CA THR A 221 13.47 -20.13 12.41
C THR A 221 13.36 -21.17 11.34
N ILE A 222 13.22 -22.42 11.74
CA ILE A 222 13.16 -23.51 10.78
C ILE A 222 11.76 -23.64 10.20
N ASN A 223 11.71 -23.82 8.89
CA ASN A 223 10.45 -23.99 8.20
C ASN A 223 9.39 -22.94 8.64
N PRO A 224 9.66 -21.64 8.42
CA PRO A 224 8.68 -20.63 8.83
C PRO A 224 7.60 -20.54 7.75
N THR A 225 6.53 -19.81 8.03
CA THR A 225 5.46 -19.66 7.06
C THR A 225 5.90 -18.92 5.80
N GLY A 226 6.74 -17.90 5.97
CA GLY A 226 7.20 -17.11 4.84
C GLY A 226 6.24 -15.95 4.62
N ILE A 227 6.63 -14.99 3.79
CA ILE A 227 5.78 -13.84 3.50
C ILE A 227 5.45 -13.84 2.04
N ARG A 228 4.31 -13.25 1.71
CA ARG A 228 3.91 -13.14 0.32
C ARG A 228 3.97 -11.68 -0.05
N TYR A 229 4.07 -11.40 -1.33
CA TYR A 229 4.10 -10.03 -1.79
C TYR A 229 3.17 -9.99 -3.00
N TYR A 230 2.10 -9.20 -2.89
CA TYR A 230 1.12 -9.11 -3.96
C TYR A 230 1.10 -7.77 -4.65
N ALA A 231 0.60 -7.76 -5.88
CA ALA A 231 0.51 -6.55 -6.68
C ALA A 231 -0.92 -6.44 -7.23
N ALA A 232 -1.39 -5.20 -7.44
CA ALA A 232 -2.71 -4.96 -7.98
C ALA A 232 -2.75 -3.68 -8.78
N ALA A 233 -3.63 -3.63 -9.77
CA ALA A 233 -3.81 -2.47 -10.62
C ALA A 233 -5.26 -2.50 -11.15
N THR A 234 -5.76 -1.39 -11.68
CA THR A 234 -7.14 -1.33 -12.21
C THR A 234 -7.33 -2.23 -13.45
N SER A 235 -6.23 -2.60 -14.09
CA SER A 235 -6.24 -3.44 -15.27
C SER A 235 -4.89 -4.15 -15.34
N ILE A 236 -4.93 -5.46 -15.54
CA ILE A 236 -3.69 -6.23 -15.64
C ILE A 236 -3.75 -7.06 -16.93
N GLY A 237 -2.60 -7.29 -17.56
CA GLY A 237 -2.58 -8.06 -18.78
C GLY A 237 -1.43 -9.04 -18.73
N ASN A 238 -1.46 -10.08 -19.56
CA ASN A 238 -0.39 -11.07 -19.59
C ASN A 238 1.01 -10.47 -19.67
N ALA A 239 1.19 -9.38 -20.42
CA ALA A 239 2.51 -8.78 -20.52
C ALA A 239 3.05 -8.31 -19.18
N ASP A 240 2.16 -7.94 -18.27
CA ASP A 240 2.55 -7.47 -16.93
C ASP A 240 3.10 -8.59 -16.09
N VAL A 241 2.48 -9.76 -16.20
CA VAL A 241 2.86 -10.93 -15.45
C VAL A 241 4.27 -11.46 -15.74
N ILE A 242 4.74 -11.28 -16.96
CA ILE A 242 6.06 -11.73 -17.36
C ILE A 242 7.12 -11.20 -16.39
N GLY A 243 7.14 -9.87 -16.25
CA GLY A 243 8.13 -9.22 -15.41
C GLY A 243 7.89 -9.27 -13.93
N LEU A 244 6.64 -9.29 -13.49
CA LEU A 244 6.33 -9.33 -12.06
C LEU A 244 6.57 -10.68 -11.37
N LYS A 245 6.32 -11.77 -12.09
CA LYS A 245 6.54 -13.09 -11.53
C LYS A 245 7.91 -13.72 -11.79
N THR A 246 8.92 -12.85 -11.81
CA THR A 246 10.29 -13.25 -11.99
C THR A 246 10.76 -13.69 -10.62
N VAL A 247 11.84 -14.48 -10.56
CA VAL A 247 12.40 -14.99 -9.30
C VAL A 247 12.82 -13.92 -8.33
N ALA A 248 12.66 -14.21 -7.05
CA ALA A 248 13.13 -13.30 -6.02
C ALA A 248 14.64 -13.52 -6.17
N THR A 249 15.40 -12.44 -6.29
CA THR A 249 16.85 -12.51 -6.51
C THR A 249 17.69 -13.44 -5.62
N HIS A 250 17.38 -13.58 -4.34
CA HIS A 250 18.17 -14.43 -3.47
C HIS A 250 18.03 -15.94 -3.79
N SER A 251 16.89 -16.33 -4.38
CA SER A 251 16.65 -17.73 -4.74
C SER A 251 17.59 -18.27 -5.83
N ILE A 252 18.16 -17.36 -6.63
CA ILE A 252 19.09 -17.72 -7.70
C ILE A 252 20.39 -18.25 -7.12
N THR A 253 20.70 -17.87 -5.89
CA THR A 253 21.95 -18.25 -5.25
C THR A 253 21.83 -19.42 -4.26
N ASP A 254 20.62 -19.91 -4.03
CA ASP A 254 20.43 -20.98 -3.07
C ASP A 254 19.50 -22.09 -3.55
N VAL A 255 20.02 -23.30 -3.69
CA VAL A 255 19.21 -24.42 -4.14
C VAL A 255 18.43 -25.04 -2.98
N LYS A 256 18.81 -24.72 -1.74
CA LYS A 256 18.20 -25.29 -0.53
C LYS A 256 16.72 -25.11 -0.26
N SER A 257 16.13 -24.03 -0.76
CA SER A 257 14.71 -23.79 -0.57
C SER A 257 13.99 -23.70 -1.92
N LEU A 258 12.69 -23.88 -1.92
CA LEU A 258 11.92 -23.78 -3.15
C LEU A 258 12.09 -22.37 -3.71
N PRO A 259 12.15 -22.23 -5.04
CA PRO A 259 12.29 -20.92 -5.67
C PRO A 259 11.05 -20.06 -5.37
N GLN A 260 11.28 -18.81 -4.99
CA GLN A 260 10.19 -17.88 -4.72
C GLN A 260 10.12 -16.82 -5.82
N SER A 261 8.92 -16.32 -6.04
CA SER A 261 8.65 -15.29 -7.03
C SER A 261 8.81 -13.96 -6.32
N ALA A 262 9.20 -12.92 -7.04
CA ALA A 262 9.31 -11.61 -6.40
C ALA A 262 7.87 -11.25 -6.04
N VAL A 263 6.94 -11.42 -6.98
CA VAL A 263 5.52 -11.11 -6.76
C VAL A 263 4.75 -12.44 -6.81
N ASP A 264 4.11 -12.83 -5.72
CA ASP A 264 3.38 -14.10 -5.69
C ASP A 264 2.09 -14.20 -6.48
N GLU A 265 1.34 -13.10 -6.53
CA GLU A 265 0.07 -13.04 -7.26
C GLU A 265 -0.28 -11.59 -7.61
N ILE A 266 -0.87 -11.39 -8.78
CA ILE A 266 -1.22 -10.06 -9.23
C ILE A 266 -2.73 -10.04 -9.32
N PHE A 267 -3.32 -8.97 -8.81
CA PHE A 267 -4.76 -8.84 -8.81
C PHE A 267 -5.25 -7.62 -9.58
N LYS A 268 -6.43 -7.77 -10.17
CA LYS A 268 -7.08 -6.70 -10.90
C LYS A 268 -8.08 -6.12 -9.88
N ILE A 269 -7.92 -4.85 -9.53
CA ILE A 269 -8.82 -4.19 -8.57
C ILE A 269 -9.38 -2.88 -9.13
N ASN A 270 -10.55 -2.99 -9.75
CA ASN A 270 -11.19 -1.83 -10.35
C ASN A 270 -12.55 -1.60 -9.72
N SER A 271 -12.79 -2.23 -8.56
CA SER A 271 -14.05 -2.05 -7.87
C SER A 271 -14.00 -2.63 -6.46
N VAL A 272 -15.01 -2.28 -5.69
CA VAL A 272 -15.19 -2.71 -4.32
C VAL A 272 -15.32 -4.24 -4.28
N LEU A 273 -15.98 -4.81 -5.28
CA LEU A 273 -16.15 -6.25 -5.35
C LEU A 273 -14.81 -6.95 -5.62
N ASP A 274 -13.93 -6.24 -6.32
CA ASP A 274 -12.58 -6.75 -6.61
C ASP A 274 -11.73 -6.71 -5.33
N VAL A 275 -12.00 -5.74 -4.47
CA VAL A 275 -11.24 -5.66 -3.23
C VAL A 275 -11.60 -6.87 -2.41
N ASP A 276 -12.89 -7.14 -2.26
CA ASP A 276 -13.37 -8.27 -1.46
C ASP A 276 -12.84 -9.60 -1.97
N SER A 277 -12.86 -9.80 -3.28
CA SER A 277 -12.37 -11.02 -3.88
C SER A 277 -10.90 -11.22 -3.57
N CYS A 278 -10.12 -10.16 -3.77
CA CYS A 278 -8.70 -10.24 -3.50
C CYS A 278 -8.44 -10.54 -2.02
N LEU A 279 -9.13 -9.83 -1.14
CA LEU A 279 -8.97 -9.99 0.31
C LEU A 279 -9.38 -11.34 0.85
N SER A 280 -10.46 -11.89 0.31
CA SER A 280 -10.97 -13.21 0.72
C SER A 280 -9.99 -14.30 0.31
N HIS A 281 -9.27 -14.01 -0.76
CA HIS A 281 -8.30 -14.92 -1.32
C HIS A 281 -6.94 -14.81 -0.65
N ILE A 282 -6.58 -13.62 -0.18
CA ILE A 282 -5.31 -13.34 0.48
C ILE A 282 -5.32 -13.64 1.98
N LEU A 283 -6.49 -13.67 2.58
CA LEU A 283 -6.61 -13.92 4.01
C LEU A 283 -7.04 -15.36 4.27
#